data_5EYM
#
_entry.id   5EYM
#
_cell.length_a   78.760
_cell.length_b   78.760
_cell.length_c   223.412
_cell.angle_alpha   90.000
_cell.angle_beta   90.000
_cell.angle_gamma   120.000
#
_symmetry.space_group_name_H-M   'P 61'
#
loop_
_entity.id
_entity.type
_entity.pdbx_description
1 polymer 'Dual specificity mitogen-activated protein kinase kinase 1'
2 non-polymer 3-[(3~{Z})-3-[[[4-[(dimethylamino)methyl]phenyl]amino]-phenyl-methylidene]-2-oxidanylidene-1~{H}-indol-6-yl]-~{N}-ethyl-prop-2-ynamide
3 non-polymer 'CALCIUM ION'
4 water water
#
_entity_poly.entity_id   1
_entity_poly.type   'polypeptide(L)'
_entity_poly.pdbx_seq_one_letter_code
;KKLEELELDEQQRKRLEAFLTQKQKVGELKDDDFEKISELGAGNGGVVFKVSHKPSGLVMARKLIHLEIKPAIRNQIIRE
LQVLHECNSPYIVGFYGAFYSDGEISICMEHMDGGSLDQVLKKAGRIPEQILGKVSIAVIKGLTYLREKHKIMHRDVKPS
NILVNSRGEIKLCDFGVSGQLIDSMANSFVGTRSYMSPERLQGTHYSVQSDIWSMGLSLVEMAVGRYPIPPPDAKELELM
FGCQVEGDAAETPPRPRTPGRPLNKFGMDSRPPMAIFELLDYIVNEPPPKLPSGVFSLEFQDFVNKCLIKNPAERADLKQ
LMVHAFIKRSDAEEVDFAGWLCSTIGLNQPSTPTHAAGV
;
_entity_poly.pdbx_strand_id   A,B
#
loop_
_chem_comp.id
_chem_comp.type
_chem_comp.name
_chem_comp.formula
5U5 non-polymer 3-[(3~{Z})-3-[[[4-[(dimethylamino)methyl]phenyl]amino]-phenyl-methylidene]-2-oxidanylidene-1~{H}-indol-6-yl]-~{N}-ethyl-prop-2-ynamide 'C29 H28 N4 O2'
CA non-polymer 'CALCIUM ION' 'Ca 2'
#
# COMPACT_ATOMS: atom_id res chain seq x y z
N GLU A 7 -21.32 35.86 -0.39
CA GLU A 7 -22.02 35.69 -1.69
C GLU A 7 -21.17 34.86 -2.66
N LEU A 8 -21.84 34.14 -3.55
CA LEU A 8 -21.17 33.38 -4.61
C LEU A 8 -21.74 33.75 -5.99
N ASP A 9 -20.87 33.83 -6.99
CA ASP A 9 -21.29 34.11 -8.37
C ASP A 9 -21.88 32.85 -8.99
N GLU A 10 -22.35 32.98 -10.23
CA GLU A 10 -22.77 31.82 -11.02
C GLU A 10 -21.58 31.21 -11.79
N GLN A 11 -20.39 31.73 -11.50
CA GLN A 11 -19.12 31.07 -11.86
C GLN A 11 -18.63 30.28 -10.64
N GLN A 12 -18.54 30.95 -9.49
CA GLN A 12 -18.10 30.31 -8.25
C GLN A 12 -19.05 29.19 -7.82
N ARG A 13 -20.34 29.35 -8.11
CA ARG A 13 -21.33 28.30 -7.86
C ARG A 13 -21.15 27.14 -8.84
N LYS A 14 -20.98 27.46 -10.12
CA LYS A 14 -20.81 26.46 -11.17
C LYS A 14 -19.58 25.59 -10.92
N ARG A 15 -18.48 26.22 -10.50
CA ARG A 15 -17.26 25.48 -10.19
C ARG A 15 -17.47 24.51 -9.01
N LEU A 16 -18.16 24.96 -7.98
CA LEU A 16 -18.47 24.11 -6.82
C LEU A 16 -19.38 22.92 -7.18
N GLU A 17 -20.22 23.11 -8.20
CA GLU A 17 -21.04 22.01 -8.75
C GLU A 17 -20.17 21.07 -9.59
N ALA A 18 -19.23 21.66 -10.34
CA ALA A 18 -18.28 20.91 -11.16
C ALA A 18 -17.24 20.17 -10.31
N PHE A 19 -17.00 20.67 -9.11
CA PHE A 19 -16.07 20.04 -8.18
C PHE A 19 -16.71 18.85 -7.52
N LEU A 20 -17.95 19.04 -7.05
CA LEU A 20 -18.70 18.00 -6.35
C LEU A 20 -19.03 16.82 -7.25
N THR A 21 -19.48 17.10 -8.46
CA THR A 21 -19.83 16.03 -9.41
C THR A 21 -18.60 15.21 -9.78
N GLN A 22 -17.48 15.89 -10.04
CA GLN A 22 -16.18 15.22 -10.28
C GLN A 22 -15.62 14.56 -9.01
N LYS A 23 -16.15 14.95 -7.85
CA LYS A 23 -15.79 14.32 -6.56
C LYS A 23 -16.69 13.12 -6.23
N GLN A 24 -17.97 13.21 -6.59
CA GLN A 24 -18.91 12.10 -6.40
C GLN A 24 -18.51 10.84 -7.19
N LYS A 25 -17.81 11.05 -8.31
CA LYS A 25 -17.28 9.94 -9.11
C LYS A 25 -16.14 9.22 -8.39
N VAL A 26 -15.27 9.99 -7.74
CA VAL A 26 -14.20 9.42 -6.91
C VAL A 26 -14.84 8.69 -5.73
N GLY A 27 -14.35 7.49 -5.44
CA GLY A 27 -14.95 6.65 -4.41
C GLY A 27 -14.23 6.74 -3.08
N GLU A 28 -14.13 5.60 -2.40
CA GLU A 28 -13.35 5.47 -1.18
C GLU A 28 -11.88 5.42 -1.56
N LEU A 29 -11.07 6.30 -0.95
CA LEU A 29 -9.68 6.42 -1.36
C LEU A 29 -8.85 5.28 -0.77
N LYS A 30 -8.01 4.68 -1.61
CA LYS A 30 -7.07 3.64 -1.19
C LYS A 30 -5.66 4.01 -1.65
N ASP A 31 -4.66 3.58 -0.88
CA ASP A 31 -3.26 3.91 -1.19
C ASP A 31 -2.84 3.45 -2.57
N ASP A 32 -3.29 2.26 -2.94
CA ASP A 32 -2.86 1.61 -4.18
C ASP A 32 -3.42 2.27 -5.43
N ASP A 33 -4.49 3.04 -5.28
CA ASP A 33 -5.14 3.70 -6.42
C ASP A 33 -4.47 5.02 -6.84
N PHE A 34 -3.24 5.27 -6.40
CA PHE A 34 -2.53 6.52 -6.72
C PHE A 34 -1.21 6.28 -7.46
N GLU A 35 -1.05 7.00 -8.57
CA GLU A 35 0.21 7.03 -9.31
C GLU A 35 0.87 8.38 -9.05
N LYS A 36 2.12 8.34 -8.61
CA LYS A 36 2.90 9.56 -8.40
C LYS A 36 3.27 10.18 -9.76
N ILE A 37 2.96 11.46 -9.94
CA ILE A 37 3.36 12.20 -11.13
C ILE A 37 4.66 12.94 -10.86
N SER A 38 4.68 13.72 -9.78
CA SER A 38 5.86 14.50 -9.42
C SER A 38 5.81 14.87 -7.93
N GLU A 39 6.85 15.57 -7.47
CA GLU A 39 6.97 15.99 -6.06
C GLU A 39 6.88 17.52 -5.94
N LEU A 40 5.83 18.00 -5.26
CA LEU A 40 5.55 19.42 -5.20
C LEU A 40 6.43 20.14 -4.17
N GLY A 41 6.47 19.60 -2.96
CA GLY A 41 7.38 20.11 -1.93
C GLY A 41 6.98 19.73 -0.53
N ALA A 42 7.75 20.22 0.45
CA ALA A 42 7.41 20.05 1.86
C ALA A 42 6.23 20.94 2.24
N GLY A 43 5.20 20.33 2.85
CA GLY A 43 3.99 21.05 3.26
C GLY A 43 3.85 21.15 4.77
N VAL A 47 5.28 16.29 3.20
CA VAL A 47 5.70 16.25 1.80
C VAL A 47 4.51 15.99 0.89
N VAL A 48 4.28 16.88 -0.07
CA VAL A 48 3.10 16.80 -0.94
C VAL A 48 3.44 16.35 -2.36
N PHE A 49 2.73 15.33 -2.86
CA PHE A 49 2.93 14.84 -4.23
C PHE A 49 1.77 15.22 -5.13
N LYS A 50 2.08 15.57 -6.38
CA LYS A 50 1.08 15.68 -7.42
C LYS A 50 0.83 14.28 -7.92
N VAL A 51 -0.36 13.75 -7.64
CA VAL A 51 -0.66 12.34 -7.91
C VAL A 51 -1.73 12.24 -8.96
N SER A 52 -1.94 11.03 -9.45
CA SER A 52 -3.09 10.72 -10.29
C SER A 52 -3.89 9.63 -9.62
N HIS A 53 -5.17 9.91 -9.36
CA HIS A 53 -6.05 8.89 -8.83
C HIS A 53 -6.50 7.99 -9.97
N LYS A 54 -5.72 6.93 -10.16
CA LYS A 54 -5.84 6.02 -11.30
C LYS A 54 -7.26 5.73 -11.80
N PRO A 55 -8.17 5.26 -10.92
CA PRO A 55 -9.49 4.85 -11.42
C PRO A 55 -10.31 6.01 -11.95
N SER A 56 -10.34 7.11 -11.20
CA SER A 56 -11.07 8.32 -11.59
C SER A 56 -10.34 9.10 -12.69
N GLY A 57 -9.03 8.91 -12.77
CA GLY A 57 -8.18 9.67 -13.69
C GLY A 57 -8.00 11.14 -13.31
N LEU A 58 -8.29 11.48 -12.06
CA LEU A 58 -8.15 12.85 -11.57
C LEU A 58 -6.76 13.11 -11.03
N VAL A 59 -6.35 14.38 -11.04
CA VAL A 59 -5.05 14.79 -10.53
C VAL A 59 -5.24 15.46 -9.18
N MET A 60 -4.53 14.99 -8.15
CA MET A 60 -4.67 15.53 -6.80
C MET A 60 -3.32 15.88 -6.18
N ALA A 61 -3.41 16.56 -5.05
CA ALA A 61 -2.28 16.83 -4.17
C ALA A 61 -2.40 15.91 -2.96
N ARG A 62 -1.43 15.02 -2.80
CA ARG A 62 -1.42 14.08 -1.70
C ARG A 62 -0.40 14.49 -0.64
N LYS A 63 -0.87 15.01 0.49
CA LYS A 63 -0.01 15.26 1.65
C LYS A 63 0.15 13.97 2.45
N LEU A 64 1.40 13.64 2.80
CA LEU A 64 1.70 12.39 3.50
C LEU A 64 2.44 12.69 4.81
N ILE A 65 1.83 12.33 5.93
CA ILE A 65 2.38 12.62 7.25
C ILE A 65 2.81 11.33 7.93
N HIS A 66 4.10 11.23 8.25
CA HIS A 66 4.65 10.05 8.93
C HIS A 66 4.31 10.15 10.41
N LEU A 67 3.61 9.13 10.92
CA LEU A 67 3.07 9.16 12.30
C LEU A 67 3.07 7.77 12.95
N GLU A 68 3.85 7.63 14.01
CA GLU A 68 3.90 6.37 14.77
C GLU A 68 2.86 6.39 15.89
N ILE A 69 1.65 5.91 15.57
CA ILE A 69 0.53 5.94 16.51
C ILE A 69 -0.36 4.70 16.40
N LYS A 70 -1.27 4.57 17.37
CA LYS A 70 -2.17 3.42 17.46
C LYS A 70 -3.38 3.53 16.51
N PRO A 71 -4.17 2.44 16.36
CA PRO A 71 -5.38 2.47 15.54
C PRO A 71 -6.41 3.50 15.98
N ALA A 72 -6.78 3.47 17.27
CA ALA A 72 -7.78 4.38 17.82
C ALA A 72 -7.42 5.86 17.66
N ILE A 73 -6.12 6.15 17.52
CA ILE A 73 -5.64 7.52 17.31
C ILE A 73 -5.88 8.00 15.88
N ARG A 74 -5.32 7.29 14.91
CA ARG A 74 -5.42 7.69 13.50
C ARG A 74 -6.85 7.60 12.96
N ASN A 75 -7.66 6.72 13.53
CA ASN A 75 -9.08 6.61 13.17
C ASN A 75 -9.85 7.86 13.60
N GLN A 76 -9.42 8.50 14.68
CA GLN A 76 -9.98 9.78 15.12
C GLN A 76 -9.62 10.86 14.11
N ILE A 77 -8.32 10.98 13.84
CA ILE A 77 -7.82 11.97 12.89
C ILE A 77 -8.67 11.96 11.62
N ILE A 78 -8.88 10.76 11.08
CA ILE A 78 -9.66 10.60 9.86
C ILE A 78 -11.09 11.11 10.04
N ARG A 79 -11.71 10.78 11.17
CA ARG A 79 -13.10 11.19 11.44
C ARG A 79 -13.24 12.70 11.48
N GLU A 80 -12.21 13.38 12.01
CA GLU A 80 -12.20 14.83 12.12
C GLU A 80 -12.02 15.51 10.75
N LEU A 81 -11.27 14.85 9.87
CA LEU A 81 -11.04 15.37 8.53
C LEU A 81 -12.23 15.15 7.59
N GLN A 82 -13.18 14.30 8.00
CA GLN A 82 -14.41 14.11 7.23
C GLN A 82 -15.24 15.39 7.25
N VAL A 83 -15.03 16.21 8.28
CA VAL A 83 -15.67 17.53 8.39
C VAL A 83 -15.32 18.43 7.20
N LEU A 84 -14.15 18.22 6.60
CA LEU A 84 -13.73 19.01 5.46
C LEU A 84 -14.56 18.76 4.19
N HIS A 85 -15.30 17.66 4.14
CA HIS A 85 -16.26 17.42 3.06
C HIS A 85 -17.36 18.48 3.08
N GLU A 86 -17.82 18.85 4.27
CA GLU A 86 -18.87 19.85 4.45
C GLU A 86 -18.40 21.25 4.07
N CYS A 87 -17.14 21.54 4.34
CA CYS A 87 -16.59 22.89 4.24
C CYS A 87 -16.13 23.21 2.82
N ASN A 88 -17.07 23.71 2.02
CA ASN A 88 -16.82 24.02 0.62
C ASN A 88 -16.98 25.51 0.35
N SER A 89 -15.92 26.11 -0.20
CA SER A 89 -15.90 27.54 -0.47
C SER A 89 -14.92 27.84 -1.60
N PRO A 90 -15.12 28.95 -2.32
CA PRO A 90 -14.14 29.33 -3.33
C PRO A 90 -12.82 29.87 -2.77
N TYR A 91 -12.73 30.08 -1.46
CA TYR A 91 -11.51 30.56 -0.81
C TYR A 91 -10.94 29.52 0.15
N ILE A 92 -11.30 28.26 -0.09
CA ILE A 92 -10.82 27.13 0.70
C ILE A 92 -10.45 26.03 -0.30
N VAL A 93 -9.28 25.43 -0.12
CA VAL A 93 -8.79 24.43 -1.07
C VAL A 93 -9.57 23.13 -0.98
N GLY A 94 -9.97 22.60 -2.13
CA GLY A 94 -10.85 21.44 -2.19
C GLY A 94 -10.31 20.20 -1.51
N PHE A 95 -11.22 19.36 -1.05
CA PHE A 95 -10.90 18.19 -0.27
C PHE A 95 -11.54 16.99 -0.97
N TYR A 96 -10.77 15.92 -1.15
CA TYR A 96 -11.27 14.68 -1.73
C TYR A 96 -11.38 13.60 -0.67
N GLY A 97 -10.36 13.48 0.18
CA GLY A 97 -10.40 12.52 1.27
C GLY A 97 -9.14 12.46 2.11
N ALA A 98 -9.15 11.54 3.08
CA ALA A 98 -8.03 11.32 3.99
C ALA A 98 -8.09 9.91 4.53
N PHE A 99 -6.94 9.25 4.59
CA PHE A 99 -6.88 7.86 5.05
C PHE A 99 -5.52 7.56 5.67
N TYR A 100 -5.37 6.34 6.16
CA TYR A 100 -4.10 5.85 6.68
C TYR A 100 -3.73 4.55 5.97
N SER A 101 -2.44 4.31 5.78
CA SER A 101 -1.98 3.07 5.15
C SER A 101 -0.64 2.59 5.74
N ASP A 102 0.39 2.49 4.91
CA ASP A 102 1.69 1.97 5.36
C ASP A 102 2.46 3.02 6.13
N GLY A 103 2.13 3.15 7.42
CA GLY A 103 2.83 4.05 8.33
C GLY A 103 2.74 5.53 8.00
N GLU A 104 1.66 5.95 7.34
CA GLU A 104 1.46 7.38 7.02
C GLU A 104 0.01 7.75 6.71
N ILE A 105 -0.42 8.89 7.24
CA ILE A 105 -1.75 9.44 6.98
C ILE A 105 -1.71 10.31 5.73
N SER A 106 -2.68 10.10 4.84
CA SER A 106 -2.79 10.86 3.60
C SER A 106 -3.93 11.88 3.69
N ILE A 107 -3.79 12.99 2.96
CA ILE A 107 -4.85 13.98 2.82
C ILE A 107 -4.94 14.38 1.34
N CYS A 108 -5.92 13.82 0.63
CA CYS A 108 -6.06 14.02 -0.82
C CYS A 108 -6.90 15.25 -1.11
N MET A 109 -6.30 16.20 -1.84
CA MET A 109 -6.87 17.54 -1.98
C MET A 109 -6.75 18.11 -3.39
N GLU A 110 -7.39 19.26 -3.59
CA GLU A 110 -7.39 19.97 -4.86
C GLU A 110 -5.96 20.43 -5.20
N HIS A 111 -5.56 20.16 -6.45
CA HIS A 111 -4.26 20.56 -6.97
C HIS A 111 -4.36 21.98 -7.48
N MET A 112 -3.63 22.90 -6.82
CA MET A 112 -3.59 24.30 -7.23
C MET A 112 -2.30 24.56 -7.99
N ASP A 113 -2.41 24.66 -9.32
CA ASP A 113 -1.24 24.59 -10.21
C ASP A 113 -0.36 25.84 -10.24
N GLY A 114 -0.62 26.80 -9.35
CA GLY A 114 0.25 27.96 -9.13
C GLY A 114 1.15 27.83 -7.90
N GLY A 115 0.82 26.90 -7.01
CA GLY A 115 1.59 26.70 -5.79
C GLY A 115 1.33 27.79 -4.79
N SER A 116 2.14 27.83 -3.73
CA SER A 116 1.90 28.74 -2.61
C SER A 116 2.37 30.16 -2.90
N LEU A 117 1.75 31.13 -2.24
CA LEU A 117 2.21 32.52 -2.34
C LEU A 117 3.64 32.68 -1.82
N ASP A 118 4.02 31.82 -0.89
CA ASP A 118 5.39 31.75 -0.41
C ASP A 118 6.32 31.42 -1.57
N GLN A 119 5.90 30.47 -2.41
CA GLN A 119 6.65 30.14 -3.63
C GLN A 119 6.60 31.28 -4.62
N VAL A 120 5.42 31.83 -4.84
CA VAL A 120 5.23 32.90 -5.82
C VAL A 120 6.04 34.14 -5.44
N LEU A 121 6.16 34.39 -4.13
CA LEU A 121 6.97 35.48 -3.61
C LEU A 121 8.43 35.24 -3.96
N LYS A 122 8.89 34.02 -3.69
CA LYS A 122 10.30 33.68 -3.86
C LYS A 122 10.76 33.86 -5.31
N LYS A 123 9.83 33.75 -6.26
CA LYS A 123 10.16 33.94 -7.68
C LYS A 123 9.73 35.31 -8.20
N ALA A 124 8.66 35.87 -7.64
CA ALA A 124 8.16 37.18 -8.07
C ALA A 124 9.12 38.31 -7.68
N GLY A 125 9.66 38.23 -6.47
CA GLY A 125 10.56 39.25 -5.93
C GLY A 125 9.81 39.91 -4.79
N ARG A 126 8.85 40.74 -5.16
CA ARG A 126 7.83 41.23 -4.25
C ARG A 126 6.52 41.34 -5.03
N ILE A 127 5.39 41.18 -4.34
CA ILE A 127 4.09 41.15 -5.00
C ILE A 127 3.48 42.56 -5.11
N PRO A 128 2.93 42.90 -6.30
CA PRO A 128 2.37 44.23 -6.52
C PRO A 128 1.10 44.49 -5.71
N GLU A 129 0.83 45.76 -5.46
CA GLU A 129 -0.25 46.14 -4.57
C GLU A 129 -1.60 45.73 -5.16
N GLN A 130 -1.83 46.04 -6.43
CA GLN A 130 -3.07 45.66 -7.11
C GLN A 130 -3.35 44.17 -6.93
N ILE A 131 -2.31 43.37 -7.05
CA ILE A 131 -2.40 41.92 -6.87
C ILE A 131 -2.72 41.57 -5.43
N LEU A 132 -1.94 42.10 -4.49
CA LEU A 132 -2.18 41.89 -3.06
C LEU A 132 -3.53 42.46 -2.63
N GLY A 133 -4.12 43.29 -3.48
CA GLY A 133 -5.50 43.69 -3.32
C GLY A 133 -6.40 42.48 -3.34
N LYS A 134 -6.26 41.66 -4.38
CA LYS A 134 -7.12 40.50 -4.56
C LYS A 134 -6.85 39.39 -3.54
N VAL A 135 -5.58 39.20 -3.19
CA VAL A 135 -5.21 38.25 -2.13
C VAL A 135 -5.92 38.58 -0.82
N SER A 136 -5.88 39.85 -0.43
CA SER A 136 -6.55 40.33 0.77
C SER A 136 -8.05 40.03 0.74
N ILE A 137 -8.68 40.22 -0.42
CA ILE A 137 -10.13 40.01 -0.54
C ILE A 137 -10.54 38.57 -0.28
N ALA A 138 -9.81 37.62 -0.87
CA ALA A 138 -10.07 36.19 -0.63
C ALA A 138 -9.75 35.78 0.81
N VAL A 139 -8.54 36.10 1.28
CA VAL A 139 -8.16 35.75 2.65
C VAL A 139 -9.23 36.18 3.67
N ILE A 140 -9.84 37.34 3.43
CA ILE A 140 -10.94 37.82 4.27
C ILE A 140 -12.18 36.93 4.09
N LYS A 141 -12.56 36.69 2.84
CA LYS A 141 -13.73 35.87 2.54
C LYS A 141 -13.54 34.41 2.96
N GLY A 142 -12.29 33.95 2.94
CA GLY A 142 -11.95 32.64 3.47
C GLY A 142 -12.23 32.60 4.96
N LEU A 143 -11.63 33.54 5.68
CA LEU A 143 -11.83 33.66 7.13
C LEU A 143 -13.30 33.94 7.46
N THR A 144 -13.95 34.73 6.63
CA THR A 144 -15.36 35.07 6.82
C THR A 144 -16.27 33.87 6.52
N TYR A 145 -15.83 32.97 5.63
CA TYR A 145 -16.55 31.72 5.40
C TYR A 145 -16.38 30.80 6.60
N LEU A 146 -15.11 30.61 7.00
CA LEU A 146 -14.80 29.74 8.13
C LEU A 146 -15.62 30.12 9.35
N ARG A 147 -15.71 31.42 9.61
CA ARG A 147 -16.53 31.93 10.71
C ARG A 147 -18.01 31.61 10.49
N GLU A 148 -18.54 32.03 9.35
CA GLU A 148 -19.97 31.85 9.05
C GLU A 148 -20.26 30.44 8.53
N ILE A 152 -16.34 26.98 13.25
CA ILE A 152 -14.96 26.56 13.46
C ILE A 152 -13.98 27.71 13.24
N MET A 153 -12.87 27.69 13.97
CA MET A 153 -11.83 28.74 13.89
C MET A 153 -10.58 28.26 13.14
N HIS A 154 -9.75 29.23 12.76
CA HIS A 154 -8.59 29.00 11.89
C HIS A 154 -7.28 28.83 12.68
N ARG A 155 -6.24 28.30 12.03
CA ARG A 155 -4.89 28.19 12.62
C ARG A 155 -3.77 28.75 11.72
N ASP A 156 -3.50 30.04 11.85
CA ASP A 156 -2.28 30.69 11.32
C ASP A 156 -2.28 30.93 9.80
N VAL A 157 -2.47 32.19 9.40
CA VAL A 157 -2.43 32.60 7.99
C VAL A 157 -1.02 33.00 7.57
N LYS A 158 -0.36 32.13 6.81
CA LYS A 158 0.94 32.43 6.21
C LYS A 158 0.80 32.58 4.70
N PRO A 159 1.86 33.02 4.01
CA PRO A 159 1.87 32.95 2.55
C PRO A 159 2.05 31.52 2.03
N SER A 160 2.63 30.65 2.87
CA SER A 160 2.75 29.23 2.55
C SER A 160 1.42 28.51 2.72
N ASN A 161 0.47 29.17 3.36
CA ASN A 161 -0.85 28.62 3.65
C ASN A 161 -1.91 29.09 2.64
N ILE A 162 -1.51 30.00 1.75
CA ILE A 162 -2.37 30.50 0.68
C ILE A 162 -1.94 29.92 -0.65
N LEU A 163 -2.83 29.14 -1.27
CA LEU A 163 -2.58 28.54 -2.59
C LEU A 163 -3.29 29.33 -3.67
N VAL A 164 -2.71 29.34 -4.87
CA VAL A 164 -3.22 30.13 -6.00
C VAL A 164 -3.15 29.31 -7.28
N ASN A 165 -3.83 29.76 -8.35
CA ASN A 165 -3.86 28.99 -9.62
C ASN A 165 -4.06 29.80 -10.92
N SER A 166 -3.88 29.11 -12.05
CA SER A 166 -3.97 29.73 -13.37
C SER A 166 -5.38 30.22 -13.71
N ARG A 167 -6.40 29.63 -13.09
CA ARG A 167 -7.76 30.13 -13.20
C ARG A 167 -7.90 31.52 -12.60
N GLY A 168 -7.04 31.83 -11.62
CA GLY A 168 -7.03 33.14 -10.94
C GLY A 168 -7.66 33.07 -9.56
N GLU A 169 -7.61 31.89 -8.95
CA GLU A 169 -8.22 31.67 -7.66
C GLU A 169 -7.19 31.83 -6.55
N ILE A 170 -7.66 32.15 -5.36
CA ILE A 170 -6.81 32.40 -4.21
C ILE A 170 -7.50 31.78 -2.99
N LYS A 171 -6.93 30.69 -2.48
CA LYS A 171 -7.59 29.87 -1.49
C LYS A 171 -6.71 29.63 -0.26
N LEU A 172 -7.33 29.63 0.92
CA LEU A 172 -6.66 29.19 2.14
C LEU A 172 -6.64 27.67 2.17
N CYS A 173 -5.45 27.10 2.41
N CYS A 173 -5.46 27.10 2.42
CA CYS A 173 -5.27 25.66 2.57
CA CYS A 173 -5.30 25.66 2.59
C CYS A 173 -4.68 25.40 3.94
C CYS A 173 -4.67 25.39 3.94
N ASP A 174 -5.04 24.27 4.54
CA ASP A 174 -4.53 23.88 5.88
C ASP A 174 -4.90 24.91 6.95
N PHE A 175 -6.17 24.89 7.34
CA PHE A 175 -6.55 25.35 8.66
C PHE A 175 -6.72 24.08 9.50
N GLY A 176 -6.92 24.26 10.80
CA GLY A 176 -6.93 23.11 11.73
C GLY A 176 -8.32 22.59 12.04
N VAL A 177 -8.67 21.46 11.44
CA VAL A 177 -9.93 20.79 11.73
C VAL A 177 -9.73 19.52 12.59
N SER A 178 -8.49 19.08 12.71
CA SER A 178 -8.14 17.91 13.53
C SER A 178 -7.13 18.28 14.62
N GLY A 179 -7.54 18.12 15.87
CA GLY A 179 -6.68 18.42 17.02
C GLY A 179 -5.57 17.42 17.23
N GLN A 180 -5.92 16.13 17.29
CA GLN A 180 -4.93 15.07 17.52
C GLN A 180 -3.85 15.01 16.44
N LEU A 181 -4.20 15.43 15.22
CA LEU A 181 -3.23 15.54 14.13
C LEU A 181 -2.16 16.56 14.49
N ILE A 182 -2.62 17.76 14.86
CA ILE A 182 -1.73 18.82 15.36
C ILE A 182 -0.89 18.32 16.53
N ASP A 183 -1.52 17.54 17.42
CA ASP A 183 -0.84 17.00 18.60
C ASP A 183 0.27 16.04 18.19
N SER A 184 -0.11 14.99 17.47
CA SER A 184 0.81 13.89 17.13
C SER A 184 2.08 14.32 16.40
N MET A 185 1.98 15.38 15.61
CA MET A 185 3.13 15.91 14.87
C MET A 185 4.01 16.78 15.78
N THR A 192 6.31 26.79 12.34
CA THR A 192 6.87 27.92 13.07
C THR A 192 5.79 28.70 13.83
N ARG A 193 6.24 29.63 14.67
CA ARG A 193 5.36 30.43 15.51
C ARG A 193 5.56 31.94 15.26
N SER A 194 6.08 32.27 14.08
CA SER A 194 6.53 33.65 13.77
C SER A 194 5.47 34.49 13.04
N TYR A 195 4.25 33.99 12.95
CA TYR A 195 3.12 34.79 12.44
C TYR A 195 2.04 34.96 13.52
N MET A 196 2.39 34.65 14.76
CA MET A 196 1.42 34.75 15.86
C MET A 196 1.34 36.18 16.36
N SER A 197 0.13 36.59 16.72
CA SER A 197 -0.12 37.91 17.29
C SER A 197 0.40 37.95 18.72
N PRO A 198 0.79 39.13 19.21
CA PRO A 198 1.39 39.20 20.54
C PRO A 198 0.49 38.59 21.62
N GLU A 199 -0.81 38.86 21.56
CA GLU A 199 -1.75 38.36 22.58
C GLU A 199 -1.80 36.83 22.71
N ARG A 200 -1.34 36.12 21.67
CA ARG A 200 -1.19 34.67 21.73
C ARG A 200 0.14 34.26 22.35
N LEU A 201 0.87 35.22 22.91
CA LEU A 201 2.15 34.96 23.55
C LEU A 201 2.16 35.53 24.98
N VAL A 208 -8.81 34.65 17.17
CA VAL A 208 -9.76 35.15 16.17
C VAL A 208 -9.22 36.39 15.47
N GLN A 209 -8.79 37.35 16.27
CA GLN A 209 -8.09 38.54 15.75
C GLN A 209 -6.64 38.21 15.40
N SER A 210 -6.15 37.06 15.88
CA SER A 210 -4.84 36.54 15.50
C SER A 210 -4.74 36.26 14.00
N ASP A 211 -5.84 35.83 13.41
CA ASP A 211 -5.92 35.57 11.97
C ASP A 211 -5.69 36.86 11.20
N ILE A 212 -6.41 37.91 11.60
CA ILE A 212 -6.30 39.20 10.92
C ILE A 212 -4.87 39.73 11.02
N TRP A 213 -4.27 39.60 12.19
CA TRP A 213 -2.88 40.01 12.39
C TRP A 213 -1.98 39.38 11.35
N SER A 214 -2.07 38.06 11.24
CA SER A 214 -1.23 37.29 10.32
C SER A 214 -1.38 37.77 8.88
N MET A 215 -2.61 38.00 8.44
CA MET A 215 -2.87 38.59 7.14
C MET A 215 -2.14 39.93 7.01
N GLY A 216 -2.08 40.67 8.11
CA GLY A 216 -1.39 41.94 8.14
C GLY A 216 0.11 41.78 8.07
N LEU A 217 0.62 40.78 8.77
CA LEU A 217 2.04 40.50 8.79
C LEU A 217 2.49 39.91 7.46
N SER A 218 1.59 39.13 6.83
CA SER A 218 1.86 38.46 5.57
C SER A 218 1.88 39.44 4.42
N LEU A 219 0.76 40.15 4.24
CA LEU A 219 0.63 41.15 3.17
C LEU A 219 1.85 42.06 3.10
N VAL A 220 2.37 42.45 4.27
CA VAL A 220 3.56 43.28 4.35
C VAL A 220 4.76 42.49 3.82
N GLU A 221 4.93 41.27 4.33
CA GLU A 221 6.02 40.39 3.89
C GLU A 221 6.07 40.26 2.36
N MET A 222 4.90 40.16 1.75
CA MET A 222 4.79 39.99 0.30
C MET A 222 4.90 41.31 -0.47
N ALA A 223 4.36 42.38 0.11
CA ALA A 223 4.46 43.70 -0.50
C ALA A 223 5.91 44.16 -0.61
N VAL A 224 6.71 43.96 0.46
CA VAL A 224 8.14 44.33 0.49
C VAL A 224 9.10 43.19 0.10
N GLY A 225 8.60 41.95 0.10
CA GLY A 225 9.39 40.80 -0.37
C GLY A 225 10.39 40.26 0.63
N ARG A 226 10.05 40.35 1.92
CA ARG A 226 10.93 39.90 3.00
C ARG A 226 10.12 39.82 4.29
N TYR A 227 10.47 38.90 5.17
CA TYR A 227 9.84 38.86 6.48
C TYR A 227 10.14 40.17 7.24
N PRO A 228 9.11 40.94 7.60
CA PRO A 228 9.29 42.33 8.06
C PRO A 228 9.73 42.53 9.52
N ILE A 229 9.97 41.46 10.27
CA ILE A 229 10.46 41.57 11.63
C ILE A 229 11.85 40.91 11.71
N PRO A 230 12.90 41.69 12.02
CA PRO A 230 12.90 43.11 12.34
C PRO A 230 12.76 43.94 11.07
N PRO A 231 12.40 45.22 11.21
CA PRO A 231 12.22 46.06 10.04
C PRO A 231 13.55 46.43 9.38
N PRO A 232 13.53 46.67 8.06
CA PRO A 232 14.73 47.11 7.37
C PRO A 232 14.91 48.61 7.52
N ASP A 233 16.10 49.03 7.96
CA ASP A 233 16.44 50.45 8.03
C ASP A 233 16.51 51.06 6.61
N ALA A 234 16.67 52.38 6.56
CA ALA A 234 16.71 53.13 5.29
C ALA A 234 17.80 52.65 4.31
N LYS A 235 18.81 51.95 4.83
CA LYS A 235 19.84 51.32 4.00
C LYS A 235 19.26 50.37 2.95
N GLU A 236 18.33 49.51 3.36
CA GLU A 236 17.71 48.52 2.48
C GLU A 236 16.51 49.09 1.75
N LEU A 237 15.64 49.78 2.50
CA LEU A 237 14.42 50.38 1.95
C LEU A 237 14.70 51.32 0.78
N GLU A 238 15.76 52.12 0.90
CA GLU A 238 16.20 53.00 -0.19
C GLU A 238 16.61 52.18 -1.42
N LEU A 239 17.37 51.11 -1.17
CA LEU A 239 17.88 50.27 -2.26
C LEU A 239 16.80 49.40 -2.87
N MET A 240 16.03 48.71 -2.02
CA MET A 240 14.92 47.85 -2.46
C MET A 240 14.01 48.55 -3.46
N PHE A 241 13.57 49.76 -3.12
CA PHE A 241 12.68 50.54 -3.98
C PHE A 241 13.41 51.75 -4.54
N PRO A 273 21.27 37.74 11.47
CA PRO A 273 19.83 37.55 11.66
C PRO A 273 19.48 37.14 13.09
N MET A 274 18.26 37.44 13.50
CA MET A 274 17.81 37.13 14.86
C MET A 274 17.53 35.65 15.05
N ALA A 275 17.82 35.14 16.25
CA ALA A 275 17.49 33.76 16.61
C ALA A 275 15.99 33.64 16.85
N ILE A 276 15.47 32.43 16.71
CA ILE A 276 14.03 32.20 16.71
C ILE A 276 13.29 32.82 17.90
N PHE A 277 13.84 32.66 19.10
CA PHE A 277 13.18 33.18 20.31
C PHE A 277 13.45 34.67 20.56
N GLU A 278 14.59 35.17 20.08
CA GLU A 278 14.90 36.60 20.15
C GLU A 278 13.87 37.43 19.38
N LEU A 279 13.37 36.86 18.28
CA LEU A 279 12.33 37.50 17.46
C LEU A 279 11.04 37.65 18.25
N LEU A 280 10.52 36.54 18.74
CA LEU A 280 9.23 36.50 19.45
C LEU A 280 9.11 37.58 20.53
N ASP A 281 10.21 37.89 21.22
CA ASP A 281 10.26 39.02 22.15
C ASP A 281 10.01 40.35 21.43
N TYR A 282 10.84 40.64 20.42
CA TYR A 282 10.73 41.87 19.64
C TYR A 282 9.30 42.12 19.16
N ILE A 283 8.66 41.06 18.68
CA ILE A 283 7.26 41.11 18.26
C ILE A 283 6.37 41.70 19.35
N VAL A 284 6.54 41.19 20.57
CA VAL A 284 5.70 41.59 21.70
C VAL A 284 6.04 42.98 22.23
N ASN A 285 7.32 43.24 22.46
CA ASN A 285 7.76 44.43 23.20
C ASN A 285 7.99 45.68 22.35
N GLU A 286 8.07 45.52 21.03
CA GLU A 286 8.36 46.63 20.12
C GLU A 286 7.21 46.84 19.14
N PRO A 287 7.23 47.97 18.39
CA PRO A 287 6.07 48.28 17.55
C PRO A 287 5.92 47.33 16.37
N PRO A 288 4.70 47.23 15.80
CA PRO A 288 4.43 46.34 14.68
C PRO A 288 5.07 46.82 13.38
N PRO A 289 5.24 45.92 12.40
CA PRO A 289 5.74 46.32 11.09
C PRO A 289 4.75 47.19 10.33
N LYS A 290 5.25 48.00 9.41
CA LYS A 290 4.42 48.82 8.55
C LYS A 290 5.04 48.89 7.16
N LEU A 291 4.19 48.93 6.12
CA LEU A 291 4.64 49.16 4.75
C LEU A 291 5.41 50.46 4.70
N PRO A 292 6.44 50.53 3.87
CA PRO A 292 7.11 51.82 3.68
C PRO A 292 6.20 52.78 2.93
N SER A 293 6.25 54.06 3.26
CA SER A 293 5.41 55.06 2.58
C SER A 293 6.06 55.56 1.29
N GLY A 294 5.26 56.23 0.46
CA GLY A 294 5.74 56.79 -0.80
C GLY A 294 5.66 55.86 -1.99
N VAL A 295 5.69 54.55 -1.74
CA VAL A 295 5.68 53.54 -2.81
C VAL A 295 4.38 52.72 -2.86
N PHE A 296 3.64 52.71 -1.75
CA PHE A 296 2.33 52.09 -1.67
C PHE A 296 1.28 53.15 -1.39
N SER A 297 0.08 52.97 -1.94
CA SER A 297 -1.02 53.90 -1.70
C SER A 297 -1.39 53.91 -0.22
N LEU A 298 -1.79 55.08 0.28
CA LEU A 298 -2.10 55.29 1.70
C LEU A 298 -3.33 54.50 2.16
N GLU A 299 -4.24 54.22 1.23
CA GLU A 299 -5.39 53.36 1.51
C GLU A 299 -4.90 51.97 1.90
N PHE A 300 -3.86 51.49 1.21
CA PHE A 300 -3.25 50.19 1.51
C PHE A 300 -2.47 50.24 2.82
N GLN A 301 -1.77 51.35 3.06
CA GLN A 301 -0.93 51.48 4.23
C GLN A 301 -1.80 51.44 5.46
N ASP A 302 -2.99 52.02 5.36
CA ASP A 302 -3.93 52.03 6.47
C ASP A 302 -4.49 50.64 6.74
N PHE A 303 -4.70 49.87 5.68
CA PHE A 303 -5.32 48.57 5.81
C PHE A 303 -4.49 47.67 6.70
N VAL A 304 -3.23 47.52 6.32
CA VAL A 304 -2.30 46.67 7.06
C VAL A 304 -2.04 47.21 8.48
N ASN A 305 -2.10 48.53 8.62
CA ASN A 305 -1.94 49.17 9.92
C ASN A 305 -3.06 48.79 10.84
N LYS A 306 -4.29 48.87 10.33
CA LYS A 306 -5.47 48.45 11.08
C LYS A 306 -5.50 46.94 11.35
N CYS A 307 -4.69 46.18 10.63
CA CYS A 307 -4.53 44.74 10.85
C CYS A 307 -3.45 44.45 11.89
N LEU A 308 -2.35 45.19 11.80
CA LEU A 308 -1.18 44.97 12.65
C LEU A 308 -1.17 45.76 13.96
N ILE A 309 -2.35 46.05 14.51
CA ILE A 309 -2.41 46.72 15.82
C ILE A 309 -2.19 45.66 16.90
N LYS A 310 -1.26 45.93 17.81
CA LYS A 310 -0.87 44.93 18.81
C LYS A 310 -2.03 44.62 19.76
N ASN A 311 -2.65 45.66 20.30
CA ASN A 311 -3.84 45.50 21.13
C ASN A 311 -4.99 44.97 20.28
N PRO A 312 -5.44 43.73 20.55
CA PRO A 312 -6.40 43.06 19.66
C PRO A 312 -7.78 43.71 19.60
N ALA A 313 -8.16 44.46 20.63
CA ALA A 313 -9.44 45.19 20.62
C ALA A 313 -9.40 46.34 19.61
N GLU A 314 -8.37 47.17 19.72
CA GLU A 314 -8.18 48.32 18.84
C GLU A 314 -7.88 47.90 17.39
N ARG A 315 -7.39 46.68 17.23
CA ARG A 315 -7.20 46.06 15.92
C ARG A 315 -8.55 45.89 15.21
N ALA A 316 -8.53 46.05 13.90
CA ALA A 316 -9.74 45.96 13.08
C ALA A 316 -10.22 44.52 13.00
N ASP A 317 -11.54 44.32 13.01
CA ASP A 317 -12.12 42.97 12.91
C ASP A 317 -12.36 42.58 11.44
N LEU A 318 -13.08 41.49 11.21
CA LEU A 318 -13.35 41.02 9.84
C LEU A 318 -14.39 41.89 9.15
N LYS A 319 -15.47 42.19 9.85
CA LYS A 319 -16.55 43.01 9.29
C LYS A 319 -16.05 44.39 8.86
N GLN A 320 -15.09 44.94 9.60
CA GLN A 320 -14.56 46.28 9.35
C GLN A 320 -13.60 46.28 8.18
N LEU A 321 -12.70 45.30 8.15
CA LEU A 321 -11.75 45.13 7.03
C LEU A 321 -12.47 44.91 5.71
N MET A 322 -13.58 44.19 5.75
CA MET A 322 -14.31 43.82 4.54
C MET A 322 -14.87 45.04 3.81
N VAL A 323 -15.11 46.13 4.54
CA VAL A 323 -15.61 47.38 3.94
C VAL A 323 -14.60 48.51 4.11
N HIS A 324 -13.32 48.14 4.24
CA HIS A 324 -12.25 49.13 4.38
C HIS A 324 -11.88 49.64 2.98
N ALA A 325 -11.67 50.96 2.87
CA ALA A 325 -11.43 51.63 1.57
C ALA A 325 -10.57 50.82 0.62
N PHE A 326 -9.50 50.24 1.16
CA PHE A 326 -8.63 49.37 0.40
C PHE A 326 -9.38 48.23 -0.33
N ILE A 327 -10.30 47.59 0.38
CA ILE A 327 -11.06 46.50 -0.20
C ILE A 327 -12.06 47.02 -1.24
N LYS A 328 -12.87 47.99 -0.85
CA LYS A 328 -13.79 48.63 -1.79
C LYS A 328 -13.08 49.06 -3.07
N ARG A 329 -11.88 49.61 -2.95
CA ARG A 329 -11.10 50.04 -4.11
C ARG A 329 -10.75 48.82 -4.97
N SER A 330 -10.10 47.84 -4.36
CA SER A 330 -9.65 46.63 -5.06
C SER A 330 -10.77 45.80 -5.68
N ASP A 331 -11.75 45.43 -4.87
CA ASP A 331 -12.91 44.69 -5.40
C ASP A 331 -13.42 45.35 -6.68
N ALA A 332 -13.49 46.67 -6.66
CA ALA A 332 -13.86 47.47 -7.82
C ALA A 332 -12.86 47.34 -8.98
N GLU A 333 -11.57 47.34 -8.66
CA GLU A 333 -10.52 47.26 -9.68
C GLU A 333 -10.70 46.05 -10.59
N GLU A 334 -10.19 46.18 -11.81
CA GLU A 334 -10.27 45.13 -12.82
C GLU A 334 -8.86 44.63 -13.13
N VAL A 335 -8.42 43.64 -12.37
CA VAL A 335 -7.04 43.16 -12.42
C VAL A 335 -6.96 41.74 -12.96
N ASP A 336 -6.04 41.52 -13.89
CA ASP A 336 -5.83 40.22 -14.51
C ASP A 336 -4.81 39.43 -13.69
N PHE A 337 -5.29 38.90 -12.57
CA PHE A 337 -4.45 38.14 -11.65
C PHE A 337 -3.83 36.93 -12.33
N ALA A 338 -4.66 36.16 -13.04
CA ALA A 338 -4.20 34.94 -13.72
C ALA A 338 -3.12 35.20 -14.78
N GLY A 339 -3.09 36.41 -15.35
CA GLY A 339 -1.99 36.81 -16.21
C GLY A 339 -0.70 36.95 -15.43
N TRP A 340 -0.68 37.91 -14.50
CA TRP A 340 0.47 38.19 -13.63
C TRP A 340 1.13 36.90 -13.14
N LEU A 341 0.37 36.10 -12.42
CA LEU A 341 0.84 34.80 -11.91
C LEU A 341 1.51 33.96 -12.99
N CYS A 342 0.73 33.53 -13.98
CA CYS A 342 1.23 32.68 -15.05
C CYS A 342 2.50 33.24 -15.69
N SER A 343 2.52 34.55 -15.89
CA SER A 343 3.68 35.21 -16.49
C SER A 343 4.83 35.34 -15.49
N THR A 344 4.47 35.56 -14.22
CA THR A 344 5.43 35.67 -13.12
C THR A 344 6.24 34.38 -12.92
N ILE A 345 5.56 33.23 -12.93
CA ILE A 345 6.21 31.96 -12.60
C ILE A 345 6.34 30.98 -13.77
N GLY A 346 6.04 31.46 -14.98
CA GLY A 346 6.31 30.72 -16.20
C GLY A 346 5.51 29.44 -16.39
N LEU A 347 4.22 29.59 -16.65
CA LEU A 347 3.35 28.44 -16.97
C LEU A 347 2.86 28.52 -18.42
N GLU B 7 22.20 -34.37 -2.76
CA GLU B 7 22.96 -34.47 -4.04
C GLU B 7 22.27 -33.65 -5.13
N LEU B 8 23.08 -32.90 -5.89
CA LEU B 8 22.56 -32.09 -7.01
C LEU B 8 23.40 -32.29 -8.27
N ASP B 9 22.77 -32.03 -9.42
CA ASP B 9 23.46 -32.09 -10.72
C ASP B 9 24.12 -30.75 -11.00
N GLU B 10 24.94 -30.72 -12.04
CA GLU B 10 25.44 -29.45 -12.57
C GLU B 10 24.29 -28.66 -13.19
N GLN B 11 23.25 -29.37 -13.64
CA GLN B 11 22.01 -28.76 -14.11
C GLN B 11 21.23 -28.11 -12.97
N GLN B 12 21.13 -28.80 -11.84
CA GLN B 12 20.38 -28.29 -10.69
C GLN B 12 21.17 -27.23 -9.95
N ARG B 13 22.48 -27.46 -9.78
CA ARG B 13 23.35 -26.51 -9.09
C ARG B 13 23.38 -25.15 -9.80
N LYS B 14 23.39 -25.18 -11.13
CA LYS B 14 23.33 -23.96 -11.94
C LYS B 14 22.00 -23.23 -11.75
N ARG B 15 20.92 -24.00 -11.67
CA ARG B 15 19.58 -23.41 -11.49
C ARG B 15 19.45 -22.71 -10.15
N LEU B 16 19.84 -23.38 -9.07
CA LEU B 16 19.79 -22.78 -7.73
C LEU B 16 20.62 -21.50 -7.67
N GLU B 17 21.82 -21.54 -8.25
CA GLU B 17 22.71 -20.37 -8.30
C GLU B 17 22.05 -19.16 -8.96
N ALA B 18 21.36 -19.39 -10.08
CA ALA B 18 20.66 -18.32 -10.80
C ALA B 18 19.58 -17.69 -9.93
N PHE B 19 18.73 -18.54 -9.36
CA PHE B 19 17.61 -18.12 -8.52
C PHE B 19 18.10 -17.20 -7.41
N LEU B 20 19.16 -17.61 -6.73
CA LEU B 20 19.76 -16.81 -5.66
C LEU B 20 20.26 -15.47 -6.17
N THR B 21 20.87 -15.46 -7.35
CA THR B 21 21.30 -14.21 -7.95
C THR B 21 20.09 -13.35 -8.30
N GLN B 22 19.15 -13.91 -9.08
CA GLN B 22 17.93 -13.19 -9.43
C GLN B 22 17.21 -12.70 -8.17
N LYS B 23 17.23 -13.51 -7.12
CA LYS B 23 16.77 -13.11 -5.79
C LYS B 23 17.60 -11.96 -5.20
N GLN B 24 18.91 -12.17 -5.08
CA GLN B 24 19.84 -11.15 -4.55
C GLN B 24 19.71 -9.75 -5.20
N LYS B 25 19.20 -9.70 -6.43
CA LYS B 25 18.86 -8.43 -7.08
C LYS B 25 17.60 -7.83 -6.46
N VAL B 26 16.62 -8.67 -6.18
CA VAL B 26 15.36 -8.23 -5.56
C VAL B 26 15.62 -7.77 -4.14
N GLY B 27 15.41 -6.49 -3.88
CA GLY B 27 15.72 -5.90 -2.57
C GLY B 27 14.68 -6.21 -1.51
N GLU B 28 14.38 -5.21 -0.69
CA GLU B 28 13.31 -5.33 0.31
C GLU B 28 11.97 -5.30 -0.41
N LEU B 29 11.11 -6.26 -0.10
CA LEU B 29 9.83 -6.38 -0.79
C LEU B 29 8.82 -5.45 -0.14
N LYS B 30 8.24 -4.56 -0.94
CA LYS B 30 7.22 -3.62 -0.47
C LYS B 30 5.94 -3.78 -1.28
N ASP B 31 4.81 -3.42 -0.69
CA ASP B 31 3.50 -3.61 -1.31
C ASP B 31 3.35 -2.80 -2.59
N ASP B 32 3.89 -1.59 -2.58
CA ASP B 32 3.76 -0.67 -3.70
C ASP B 32 4.59 -1.10 -4.90
N ASP B 33 5.54 -2.01 -4.69
CA ASP B 33 6.45 -2.44 -5.76
C ASP B 33 5.91 -3.57 -6.63
N PHE B 34 4.66 -4.00 -6.42
CA PHE B 34 4.07 -5.10 -7.19
C PHE B 34 2.92 -4.68 -8.11
N GLU B 35 3.00 -5.08 -9.37
CA GLU B 35 1.92 -4.91 -10.33
C GLU B 35 1.24 -6.28 -10.53
N LYS B 36 -0.08 -6.28 -10.46
CA LYS B 36 -0.87 -7.51 -10.64
C LYS B 36 -0.96 -7.87 -12.14
N ILE B 37 -0.74 -9.15 -12.45
CA ILE B 37 -0.88 -9.66 -13.82
C ILE B 37 -2.15 -10.51 -13.94
N SER B 38 -2.32 -11.44 -13.02
CA SER B 38 -3.51 -12.29 -12.98
C SER B 38 -3.68 -12.99 -11.64
N GLU B 39 -4.89 -13.50 -11.40
CA GLU B 39 -5.20 -14.28 -10.20
C GLU B 39 -4.97 -15.76 -10.51
N LEU B 40 -4.13 -16.42 -9.70
CA LEU B 40 -3.71 -17.79 -9.99
C LEU B 40 -4.69 -18.81 -9.41
N GLY B 41 -5.32 -18.44 -8.30
CA GLY B 41 -6.35 -19.27 -7.68
C GLY B 41 -6.37 -19.13 -6.17
N ALA B 42 -7.45 -19.59 -5.55
CA ALA B 42 -7.54 -19.63 -4.09
C ALA B 42 -6.59 -20.69 -3.55
N GLY B 43 -5.77 -20.32 -2.58
CA GLY B 43 -4.81 -21.23 -1.95
C GLY B 43 -5.48 -22.18 -0.98
N VAL B 47 -5.31 -16.79 -1.10
CA VAL B 47 -5.47 -16.30 -2.47
C VAL B 47 -4.12 -15.91 -3.06
N VAL B 48 -3.80 -16.48 -4.24
CA VAL B 48 -2.48 -16.25 -4.86
C VAL B 48 -2.60 -15.50 -6.18
N PHE B 49 -1.84 -14.40 -6.31
CA PHE B 49 -1.78 -13.62 -7.54
C PHE B 49 -0.49 -13.87 -8.30
N LYS B 50 -0.58 -13.87 -9.63
CA LYS B 50 0.59 -13.78 -10.50
C LYS B 50 0.92 -12.31 -10.60
N VAL B 51 2.04 -11.90 -10.01
CA VAL B 51 2.41 -10.48 -9.94
C VAL B 51 3.80 -10.20 -10.51
N SER B 52 4.08 -8.92 -10.70
CA SER B 52 5.37 -8.48 -11.22
C SER B 52 6.02 -7.53 -10.24
N HIS B 53 7.17 -7.92 -9.71
CA HIS B 53 7.96 -7.02 -8.88
C HIS B 53 8.60 -6.00 -9.83
N LYS B 54 8.08 -4.78 -9.77
CA LYS B 54 8.35 -3.75 -10.78
C LYS B 54 9.82 -3.31 -10.88
N PRO B 55 10.48 -3.09 -9.73
CA PRO B 55 11.88 -2.65 -9.79
C PRO B 55 12.84 -3.73 -10.31
N SER B 56 12.51 -4.99 -10.06
CA SER B 56 13.36 -6.12 -10.49
C SER B 56 12.98 -6.66 -11.88
N GLY B 57 11.76 -6.35 -12.32
CA GLY B 57 11.26 -6.80 -13.62
C GLY B 57 11.08 -8.31 -13.66
N LEU B 58 10.50 -8.86 -12.60
CA LEU B 58 10.52 -10.29 -12.34
C LEU B 58 9.10 -10.81 -12.05
N VAL B 59 8.79 -12.05 -12.42
CA VAL B 59 7.42 -12.58 -12.32
C VAL B 59 7.22 -13.53 -11.13
N MET B 60 6.57 -13.05 -10.09
CA MET B 60 6.41 -13.80 -8.82
C MET B 60 5.01 -14.39 -8.61
N ALA B 61 4.90 -15.16 -7.55
CA ALA B 61 3.63 -15.63 -7.00
C ALA B 61 3.49 -15.02 -5.61
N ARG B 62 2.43 -14.25 -5.42
CA ARG B 62 2.15 -13.61 -4.14
C ARG B 62 0.95 -14.26 -3.47
N LYS B 63 1.18 -14.94 -2.35
CA LYS B 63 0.07 -15.39 -1.49
C LYS B 63 -0.30 -14.22 -0.57
N LEU B 64 -1.60 -14.05 -0.34
CA LEU B 64 -2.09 -12.96 0.49
C LEU B 64 -3.02 -13.51 1.55
N ILE B 65 -2.64 -13.34 2.81
CA ILE B 65 -3.42 -13.82 3.94
C ILE B 65 -3.99 -12.63 4.71
N HIS B 66 -5.32 -12.51 4.67
CA HIS B 66 -6.03 -11.44 5.37
C HIS B 66 -6.02 -11.76 6.87
N LEU B 67 -5.31 -10.95 7.66
CA LEU B 67 -5.11 -11.24 9.09
C LEU B 67 -5.32 -10.04 10.01
N GLU B 68 -6.22 -10.21 10.98
CA GLU B 68 -6.50 -9.20 11.99
C GLU B 68 -5.63 -9.49 13.22
N ILE B 69 -4.42 -8.95 13.24
CA ILE B 69 -3.46 -9.20 14.32
C ILE B 69 -2.60 -7.98 14.64
N LYS B 70 -2.05 -7.96 15.85
CA LYS B 70 -1.24 -6.84 16.34
C LYS B 70 0.17 -6.83 15.70
N PRO B 71 0.89 -5.70 15.81
CA PRO B 71 2.28 -5.59 15.36
C PRO B 71 3.20 -6.70 15.88
N ALA B 72 3.13 -6.96 17.19
CA ALA B 72 3.98 -7.96 17.84
C ALA B 72 3.77 -9.39 17.32
N ILE B 73 2.59 -9.66 16.76
CA ILE B 73 2.25 -10.98 16.23
C ILE B 73 2.82 -11.22 14.83
N ARG B 74 2.55 -10.27 13.91
CA ARG B 74 3.00 -10.42 12.52
C ARG B 74 4.52 -10.21 12.37
N ASN B 75 5.11 -9.38 13.23
CA ASN B 75 6.57 -9.20 13.23
C ASN B 75 7.31 -10.48 13.57
N GLN B 76 6.67 -11.35 14.34
CA GLN B 76 7.18 -12.69 14.61
C GLN B 76 7.00 -13.55 13.35
N ILE B 77 5.78 -13.56 12.81
CA ILE B 77 5.49 -14.30 11.58
C ILE B 77 6.58 -14.02 10.55
N ILE B 78 6.87 -12.74 10.32
CA ILE B 78 7.86 -12.35 9.32
C ILE B 78 9.24 -12.90 9.67
N ARG B 79 9.58 -12.89 10.95
CA ARG B 79 10.87 -13.43 11.41
C ARG B 79 10.96 -14.94 11.19
N GLU B 80 9.85 -15.64 11.42
CA GLU B 80 9.77 -17.08 11.20
C GLU B 80 9.85 -17.44 9.72
N LEU B 81 9.29 -16.59 8.87
CA LEU B 81 9.32 -16.83 7.43
C LEU B 81 10.69 -16.59 6.81
N GLN B 82 11.54 -15.80 7.47
CA GLN B 82 12.90 -15.55 6.95
C GLN B 82 13.74 -16.83 6.95
N VAL B 83 13.26 -17.85 7.67
CA VAL B 83 13.86 -19.18 7.66
C VAL B 83 13.83 -19.79 6.26
N LEU B 84 12.82 -19.46 5.47
CA LEU B 84 12.70 -19.99 4.10
C LEU B 84 13.83 -19.52 3.17
N HIS B 85 14.49 -18.41 3.50
CA HIS B 85 15.66 -17.95 2.75
C HIS B 85 16.76 -19.01 2.76
N GLU B 86 16.93 -19.68 3.90
CA GLU B 86 17.93 -20.74 4.04
C GLU B 86 17.49 -22.07 3.42
N CYS B 87 16.18 -22.30 3.37
CA CYS B 87 15.64 -23.54 2.80
C CYS B 87 15.67 -23.51 1.27
N ASN B 88 16.69 -24.14 0.72
CA ASN B 88 16.97 -24.11 -0.71
C ASN B 88 17.20 -25.51 -1.26
N SER B 89 16.24 -25.99 -2.05
CA SER B 89 16.31 -27.31 -2.65
C SER B 89 15.69 -27.24 -4.04
N PRO B 90 16.06 -28.17 -4.93
CA PRO B 90 15.34 -28.23 -6.20
C PRO B 90 13.93 -28.84 -6.09
N TYR B 91 13.58 -29.34 -4.90
CA TYR B 91 12.26 -29.91 -4.65
C TYR B 91 11.49 -29.08 -3.61
N ILE B 92 11.83 -27.79 -3.53
CA ILE B 92 11.20 -26.85 -2.62
C ILE B 92 10.94 -25.55 -3.39
N VAL B 93 9.69 -25.09 -3.45
CA VAL B 93 9.35 -23.93 -4.26
C VAL B 93 10.02 -22.67 -3.72
N GLY B 94 10.58 -21.88 -4.62
CA GLY B 94 11.41 -20.74 -4.26
C GLY B 94 10.69 -19.71 -3.41
N PHE B 95 11.44 -19.10 -2.49
CA PHE B 95 10.94 -18.09 -1.59
C PHE B 95 11.74 -16.83 -1.85
N TYR B 96 11.03 -15.73 -2.11
CA TYR B 96 11.67 -14.42 -2.34
C TYR B 96 11.61 -13.55 -1.11
N GLY B 97 10.52 -13.64 -0.35
CA GLY B 97 10.38 -12.87 0.88
C GLY B 97 8.97 -12.77 1.40
N ALA B 98 8.82 -12.15 2.57
CA ALA B 98 7.51 -11.89 3.15
C ALA B 98 7.48 -10.54 3.86
N PHE B 99 6.27 -10.01 4.05
CA PHE B 99 6.08 -8.71 4.69
C PHE B 99 4.62 -8.54 5.11
N TYR B 100 4.27 -7.34 5.53
CA TYR B 100 2.91 -7.01 5.97
C TYR B 100 2.59 -5.59 5.51
N SER B 101 1.32 -5.30 5.25
CA SER B 101 0.94 -3.96 4.80
C SER B 101 -0.50 -3.59 5.15
N ASP B 102 -1.45 -3.88 4.24
CA ASP B 102 -2.84 -3.45 4.43
C ASP B 102 -3.64 -4.52 5.19
N GLY B 103 -3.34 -4.67 6.47
CA GLY B 103 -4.02 -5.63 7.33
C GLY B 103 -3.88 -7.07 6.88
N GLU B 104 -2.82 -7.38 6.14
CA GLU B 104 -2.64 -8.71 5.57
C GLU B 104 -1.17 -9.04 5.37
N ILE B 105 -0.85 -10.34 5.40
CA ILE B 105 0.51 -10.81 5.20
C ILE B 105 0.73 -11.28 3.76
N SER B 106 1.87 -10.91 3.20
CA SER B 106 2.24 -11.30 1.84
C SER B 106 3.39 -12.30 1.86
N ILE B 107 3.29 -13.34 1.04
CA ILE B 107 4.36 -14.32 0.87
C ILE B 107 4.73 -14.43 -0.62
N CYS B 108 5.88 -13.84 -0.98
CA CYS B 108 6.33 -13.75 -2.35
C CYS B 108 7.20 -14.94 -2.71
N MET B 109 6.80 -15.67 -3.75
CA MET B 109 7.40 -16.96 -4.09
C MET B 109 7.63 -17.16 -5.57
N GLU B 110 8.39 -18.20 -5.89
CA GLU B 110 8.67 -18.60 -7.26
C GLU B 110 7.38 -18.98 -7.97
N HIS B 111 7.20 -18.46 -9.19
CA HIS B 111 6.03 -18.78 -9.99
C HIS B 111 6.25 -20.11 -10.69
N MET B 112 5.47 -21.11 -10.31
CA MET B 112 5.51 -22.43 -10.93
C MET B 112 4.41 -22.48 -11.99
N ASP B 113 4.82 -22.40 -13.26
CA ASP B 113 3.89 -22.10 -14.35
C ASP B 113 2.96 -23.24 -14.80
N GLY B 114 3.08 -24.40 -14.16
CA GLY B 114 2.20 -25.55 -14.42
C GLY B 114 1.10 -25.72 -13.38
N GLY B 115 1.21 -25.02 -12.26
CA GLY B 115 0.20 -25.08 -11.21
C GLY B 115 0.31 -26.32 -10.37
N SER B 116 -0.73 -26.61 -9.60
CA SER B 116 -0.72 -27.71 -8.65
C SER B 116 -1.21 -28.99 -9.30
N LEU B 117 -0.69 -30.13 -8.83
CA LEU B 117 -1.13 -31.43 -9.35
C LEU B 117 -2.62 -31.66 -9.09
N ASP B 118 -3.18 -30.93 -8.12
CA ASP B 118 -4.62 -30.93 -7.92
C ASP B 118 -5.33 -30.35 -9.13
N GLN B 119 -4.82 -29.22 -9.62
CA GLN B 119 -5.33 -28.62 -10.86
C GLN B 119 -4.98 -29.49 -12.06
N VAL B 120 -3.78 -30.04 -12.06
CA VAL B 120 -3.33 -30.86 -13.19
C VAL B 120 -4.17 -32.13 -13.30
N LEU B 121 -4.48 -32.72 -12.15
CA LEU B 121 -5.38 -33.87 -12.10
C LEU B 121 -6.70 -33.46 -12.72
N LYS B 122 -7.24 -32.37 -12.21
CA LYS B 122 -8.60 -31.94 -12.54
C LYS B 122 -8.87 -31.91 -14.06
N LYS B 123 -7.83 -31.66 -14.86
CA LYS B 123 -7.96 -31.63 -16.32
C LYS B 123 -7.48 -32.92 -17.02
N ALA B 124 -6.43 -33.52 -16.50
CA ALA B 124 -5.83 -34.71 -17.12
C ALA B 124 -6.77 -35.90 -17.04
N GLY B 125 -7.33 -36.10 -15.85
CA GLY B 125 -8.35 -37.12 -15.61
C GLY B 125 -7.84 -37.97 -14.48
N ARG B 126 -6.85 -38.79 -14.81
CA ARG B 126 -5.98 -39.45 -13.83
C ARG B 126 -4.55 -39.46 -14.38
N ILE B 127 -3.58 -39.24 -13.51
CA ILE B 127 -2.19 -39.14 -13.94
C ILE B 127 -1.56 -40.52 -14.12
N PRO B 128 -0.80 -40.71 -15.23
CA PRO B 128 -0.11 -41.97 -15.48
C PRO B 128 0.95 -42.31 -14.42
N GLU B 129 1.25 -43.61 -14.33
CA GLU B 129 2.16 -44.15 -13.35
C GLU B 129 3.58 -43.73 -13.63
N GLN B 130 4.03 -43.84 -14.89
CA GLN B 130 5.40 -43.44 -15.25
C GLN B 130 5.69 -42.05 -14.77
N ILE B 131 4.69 -41.17 -14.88
CA ILE B 131 4.77 -39.80 -14.38
C ILE B 131 4.74 -39.79 -12.87
N LEU B 132 3.77 -40.49 -12.27
CA LEU B 132 3.68 -40.59 -10.82
C LEU B 132 4.92 -41.26 -10.23
N GLY B 133 5.80 -41.74 -11.12
CA GLY B 133 7.12 -42.16 -10.74
C GLY B 133 7.95 -40.96 -10.36
N LYS B 134 7.91 -39.94 -11.21
CA LYS B 134 8.73 -38.75 -11.01
C LYS B 134 8.19 -37.92 -9.85
N VAL B 135 6.87 -37.76 -9.79
CA VAL B 135 6.23 -37.04 -8.70
C VAL B 135 6.49 -37.68 -7.34
N SER B 136 6.62 -39.02 -7.32
CA SER B 136 6.91 -39.75 -6.08
C SER B 136 8.38 -39.62 -5.68
N ILE B 137 9.28 -39.69 -6.66
CA ILE B 137 10.71 -39.44 -6.43
C ILE B 137 10.86 -38.06 -5.84
N ALA B 138 10.19 -37.09 -6.48
CA ALA B 138 10.39 -35.68 -6.18
C ALA B 138 10.01 -35.36 -4.75
N VAL B 139 8.80 -35.74 -4.37
CA VAL B 139 8.36 -35.56 -3.00
C VAL B 139 9.37 -36.17 -2.02
N ILE B 140 9.78 -37.41 -2.30
CA ILE B 140 10.67 -38.19 -1.42
C ILE B 140 12.00 -37.48 -1.16
N LYS B 141 12.58 -36.90 -2.20
CA LYS B 141 13.83 -36.14 -2.07
C LYS B 141 13.57 -34.84 -1.31
N GLY B 142 12.47 -34.18 -1.65
CA GLY B 142 12.06 -32.95 -0.95
C GLY B 142 11.81 -33.15 0.53
N LEU B 143 11.18 -34.26 0.89
CA LEU B 143 10.89 -34.60 2.30
C LEU B 143 12.18 -34.98 3.03
N THR B 144 13.09 -35.62 2.29
CA THR B 144 14.42 -35.94 2.80
C THR B 144 15.19 -34.65 3.04
N TYR B 145 15.04 -33.67 2.13
CA TYR B 145 15.73 -32.40 2.29
C TYR B 145 15.32 -31.73 3.59
N LEU B 146 14.01 -31.60 3.78
CA LEU B 146 13.47 -30.93 4.97
C LEU B 146 14.03 -31.55 6.24
N ARG B 147 14.05 -32.87 6.26
CA ARG B 147 14.67 -33.63 7.33
C ARG B 147 16.19 -33.35 7.39
N GLU B 148 16.95 -33.96 6.50
CA GLU B 148 18.42 -33.86 6.54
C GLU B 148 18.91 -32.45 6.19
N ILE B 152 13.55 -29.56 10.33
CA ILE B 152 12.17 -29.21 10.64
C ILE B 152 11.17 -30.16 9.99
N MET B 153 10.08 -30.45 10.69
CA MET B 153 9.06 -31.40 10.23
C MET B 153 7.99 -30.72 9.39
N HIS B 154 7.36 -31.50 8.52
CA HIS B 154 6.40 -31.01 7.53
C HIS B 154 4.97 -30.88 8.07
N ARG B 155 4.11 -30.19 7.31
CA ARG B 155 2.67 -30.09 7.61
C ARG B 155 1.76 -30.44 6.40
N ASP B 156 1.61 -31.73 6.14
CA ASP B 156 0.52 -32.28 5.29
C ASP B 156 0.75 -32.19 3.76
N VAL B 157 1.22 -33.30 3.17
CA VAL B 157 1.40 -33.42 1.72
C VAL B 157 0.06 -33.65 1.01
N LYS B 158 -0.15 -32.93 -0.10
CA LYS B 158 -1.39 -33.06 -0.88
C LYS B 158 -1.12 -32.83 -2.37
N PRO B 159 -2.04 -33.28 -3.25
CA PRO B 159 -1.94 -32.94 -4.67
C PRO B 159 -1.99 -31.43 -4.95
N SER B 160 -2.73 -30.69 -4.11
CA SER B 160 -2.80 -29.24 -4.22
C SER B 160 -1.59 -28.56 -3.57
N ASN B 161 -0.74 -29.37 -2.93
CA ASN B 161 0.47 -28.89 -2.27
C ASN B 161 1.75 -29.20 -3.03
N ILE B 162 1.65 -30.13 -3.98
CA ILE B 162 2.75 -30.43 -4.90
C ILE B 162 2.65 -29.49 -6.10
N LEU B 163 3.76 -28.80 -6.39
CA LEU B 163 3.80 -27.79 -7.45
C LEU B 163 4.74 -28.19 -8.58
N VAL B 164 4.30 -28.02 -9.82
CA VAL B 164 5.10 -28.37 -10.99
C VAL B 164 5.10 -27.28 -12.05
N ASN B 165 6.14 -27.27 -12.88
CA ASN B 165 6.29 -26.27 -13.94
C ASN B 165 6.65 -26.88 -15.29
N SER B 166 6.75 -26.03 -16.32
CA SER B 166 7.01 -26.48 -17.68
C SER B 166 8.40 -27.08 -17.83
N ARG B 167 9.40 -26.43 -17.24
CA ARG B 167 10.77 -26.97 -17.18
C ARG B 167 10.82 -28.45 -16.82
N GLY B 168 9.74 -28.96 -16.21
CA GLY B 168 9.63 -30.36 -15.81
C GLY B 168 9.91 -30.57 -14.33
N GLU B 169 10.07 -29.47 -13.60
CA GLU B 169 10.38 -29.53 -12.19
C GLU B 169 9.15 -29.90 -11.37
N ILE B 170 9.39 -30.60 -10.27
CA ILE B 170 8.36 -30.95 -9.29
C ILE B 170 8.88 -30.55 -7.92
N LYS B 171 8.15 -29.67 -7.24
CA LYS B 171 8.63 -29.09 -5.99
C LYS B 171 7.52 -29.07 -4.96
N LEU B 172 7.86 -29.41 -3.72
CA LEU B 172 6.93 -29.21 -2.60
C LEU B 172 6.81 -27.72 -2.34
N CYS B 173 5.61 -27.27 -1.99
N CYS B 173 5.61 -27.29 -1.96
CA CYS B 173 5.35 -25.86 -1.66
CA CYS B 173 5.34 -25.88 -1.66
C CYS B 173 4.44 -25.80 -0.45
C CYS B 173 4.43 -25.80 -0.44
N ASP B 174 4.74 -24.86 0.45
CA ASP B 174 4.04 -24.74 1.74
C ASP B 174 4.21 -25.96 2.62
N PHE B 175 5.34 -26.01 3.31
CA PHE B 175 5.44 -26.71 4.58
C PHE B 175 5.36 -25.61 5.63
N GLY B 176 4.58 -25.83 6.67
CA GLY B 176 4.29 -24.79 7.66
C GLY B 176 5.47 -24.49 8.57
N VAL B 177 6.36 -23.61 8.13
CA VAL B 177 7.52 -23.20 8.92
C VAL B 177 7.15 -22.14 9.96
N SER B 178 6.04 -21.44 9.75
CA SER B 178 5.57 -20.44 10.69
C SER B 178 4.49 -21.00 11.63
N GLY B 179 4.73 -20.89 12.93
CA GLY B 179 3.79 -21.39 13.94
C GLY B 179 2.58 -20.49 14.12
N GLN B 180 2.85 -19.22 14.45
CA GLN B 180 1.78 -18.24 14.70
C GLN B 180 0.88 -18.01 13.48
N LEU B 181 1.41 -18.22 12.29
CA LEU B 181 0.63 -18.12 11.06
C LEU B 181 -0.52 -19.14 11.07
N ILE B 182 -0.18 -20.38 11.41
CA ILE B 182 -1.18 -21.47 11.51
C ILE B 182 -2.16 -21.21 12.65
N ASP B 183 -1.69 -20.54 13.71
CA ASP B 183 -2.52 -20.21 14.85
C ASP B 183 -3.53 -19.10 14.54
N SER B 184 -3.16 -18.20 13.62
CA SER B 184 -3.99 -17.06 13.25
C SER B 184 -4.86 -17.32 12.01
N MET B 185 -5.04 -18.59 11.67
CA MET B 185 -5.91 -18.99 10.55
C MET B 185 -6.81 -20.15 10.97
N THR B 192 -8.26 -28.49 4.97
CA THR B 192 -8.83 -29.79 5.30
C THR B 192 -7.91 -30.62 6.21
N ARG B 193 -8.45 -31.72 6.71
CA ARG B 193 -7.70 -32.66 7.56
C ARG B 193 -7.93 -34.10 7.10
N SER B 194 -8.15 -34.29 5.80
CA SER B 194 -8.48 -35.61 5.23
C SER B 194 -7.32 -36.28 4.48
N TYR B 195 -6.10 -35.80 4.70
CA TYR B 195 -4.90 -36.47 4.21
C TYR B 195 -4.01 -36.95 5.38
N MET B 196 -4.46 -36.78 6.62
CA MET B 196 -3.67 -37.17 7.79
C MET B 196 -3.75 -38.68 8.00
N SER B 197 -2.71 -39.21 8.62
CA SER B 197 -2.63 -40.64 8.90
C SER B 197 -3.51 -40.97 10.09
N PRO B 198 -3.82 -42.26 10.30
CA PRO B 198 -4.75 -42.62 11.36
C PRO B 198 -4.15 -42.53 12.76
N GLU B 199 -2.83 -42.48 12.85
CA GLU B 199 -2.16 -42.32 14.15
C GLU B 199 -2.29 -40.90 14.71
N ARG B 200 -2.54 -39.93 13.83
CA ARG B 200 -2.73 -38.53 14.25
C ARG B 200 -4.20 -38.25 14.52
N LEU B 201 -4.87 -39.19 15.19
CA LEU B 201 -6.30 -39.10 15.46
C LEU B 201 -6.65 -39.87 16.73
N VAL B 208 6.28 -37.47 11.59
CA VAL B 208 7.40 -37.78 10.70
C VAL B 208 6.99 -38.80 9.64
N GLN B 209 6.29 -39.84 10.06
CA GLN B 209 5.75 -40.86 9.16
C GLN B 209 4.41 -40.46 8.52
N SER B 210 3.79 -39.40 9.04
CA SER B 210 2.51 -38.92 8.53
C SER B 210 2.60 -38.36 7.09
N ASP B 211 3.81 -37.96 6.71
CA ASP B 211 4.06 -37.42 5.37
C ASP B 211 4.10 -38.53 4.34
N ILE B 212 4.62 -39.69 4.75
CA ILE B 212 4.70 -40.86 3.88
C ILE B 212 3.29 -41.34 3.55
N TRP B 213 2.45 -41.43 4.57
CA TRP B 213 1.04 -41.72 4.38
C TRP B 213 0.47 -40.76 3.34
N SER B 214 0.56 -39.48 3.65
CA SER B 214 -0.04 -38.42 2.85
C SER B 214 0.38 -38.51 1.39
N MET B 215 1.65 -38.82 1.16
CA MET B 215 2.13 -39.12 -0.18
C MET B 215 1.31 -40.28 -0.71
N GLY B 216 1.33 -41.39 0.03
CA GLY B 216 0.64 -42.61 -0.38
C GLY B 216 -0.80 -42.39 -0.80
N LEU B 217 -1.53 -41.65 0.04
CA LEU B 217 -2.95 -41.41 -0.19
C LEU B 217 -3.18 -40.53 -1.42
N SER B 218 -2.24 -39.61 -1.66
CA SER B 218 -2.33 -38.71 -2.80
C SER B 218 -2.06 -39.47 -4.08
N LEU B 219 -0.94 -40.19 -4.12
CA LEU B 219 -0.55 -41.00 -5.28
C LEU B 219 -1.74 -41.79 -5.81
N VAL B 220 -2.48 -42.42 -4.90
CA VAL B 220 -3.64 -43.22 -5.26
C VAL B 220 -4.68 -42.34 -5.95
N GLU B 221 -5.08 -41.26 -5.27
CA GLU B 221 -6.01 -40.27 -5.80
C GLU B 221 -5.64 -39.92 -7.23
N MET B 222 -4.41 -39.47 -7.43
CA MET B 222 -3.92 -39.08 -8.75
C MET B 222 -3.92 -40.26 -9.71
N ALA B 223 -3.43 -41.40 -9.23
CA ALA B 223 -3.45 -42.64 -10.00
C ALA B 223 -4.84 -43.00 -10.53
N VAL B 224 -5.86 -42.91 -9.67
CA VAL B 224 -7.24 -43.27 -10.05
C VAL B 224 -8.07 -42.08 -10.58
N GLY B 225 -7.70 -40.87 -10.19
CA GLY B 225 -8.42 -39.65 -10.59
C GLY B 225 -9.58 -39.28 -9.66
N ARG B 226 -9.52 -39.75 -8.42
CA ARG B 226 -10.60 -39.54 -7.45
C ARG B 226 -10.06 -39.75 -6.04
N TYR B 227 -10.42 -38.86 -5.11
CA TYR B 227 -10.04 -39.04 -3.72
C TYR B 227 -10.47 -40.44 -3.29
N PRO B 228 -9.50 -41.29 -2.91
CA PRO B 228 -9.70 -42.74 -2.86
C PRO B 228 -10.63 -43.25 -1.75
N ILE B 229 -10.74 -42.52 -0.64
CA ILE B 229 -11.66 -42.89 0.43
C ILE B 229 -13.02 -42.20 0.22
N PRO B 230 -14.11 -42.98 0.20
CA PRO B 230 -14.18 -44.42 0.36
C PRO B 230 -13.89 -45.10 -0.95
N PRO B 231 -13.29 -46.30 -0.92
CA PRO B 231 -12.90 -46.99 -2.15
C PRO B 231 -14.08 -47.22 -3.08
N PRO B 232 -13.88 -47.01 -4.39
CA PRO B 232 -14.96 -47.21 -5.34
C PRO B 232 -15.20 -48.69 -5.57
N ASP B 233 -16.47 -49.08 -5.69
CA ASP B 233 -16.82 -50.47 -5.98
C ASP B 233 -16.39 -50.81 -7.41
N ALA B 234 -16.45 -52.09 -7.75
CA ALA B 234 -16.10 -52.55 -9.10
C ALA B 234 -16.82 -51.74 -10.17
N LYS B 235 -18.09 -51.41 -9.88
CA LYS B 235 -18.92 -50.55 -10.74
C LYS B 235 -18.13 -49.40 -11.37
N GLU B 236 -17.55 -48.55 -10.53
CA GLU B 236 -16.82 -47.37 -11.01
C GLU B 236 -15.46 -47.74 -11.63
N LEU B 237 -14.73 -48.65 -10.98
CA LEU B 237 -13.43 -49.10 -11.48
C LEU B 237 -13.54 -49.77 -12.86
N GLU B 238 -14.61 -50.53 -13.06
CA GLU B 238 -14.89 -51.17 -14.36
C GLU B 238 -15.08 -50.13 -15.46
N LEU B 239 -15.71 -49.00 -15.11
CA LEU B 239 -15.93 -47.89 -16.03
C LEU B 239 -14.67 -47.05 -16.15
N MET B 240 -14.15 -46.60 -15.01
CA MET B 240 -12.92 -45.79 -14.94
C MET B 240 -11.80 -46.36 -15.83
N PHE B 241 -11.61 -47.67 -15.77
CA PHE B 241 -10.59 -48.36 -16.54
C PHE B 241 -11.24 -49.36 -17.48
N PRO B 273 -23.18 -38.94 -0.29
CA PRO B 273 -21.75 -38.96 0.00
C PRO B 273 -21.46 -39.06 1.49
N MET B 274 -20.18 -39.04 1.86
CA MET B 274 -19.77 -39.06 3.27
C MET B 274 -19.52 -37.64 3.77
N ALA B 275 -19.95 -37.38 5.00
CA ALA B 275 -19.75 -36.08 5.64
C ALA B 275 -18.29 -35.93 6.07
N ILE B 276 -17.85 -34.68 6.19
CA ILE B 276 -16.44 -34.37 6.47
C ILE B 276 -15.86 -35.15 7.65
N PHE B 277 -16.67 -35.37 8.69
CA PHE B 277 -16.23 -36.11 9.88
C PHE B 277 -16.51 -37.62 9.78
N GLU B 278 -17.56 -38.00 9.07
CA GLU B 278 -17.88 -39.42 8.82
C GLU B 278 -16.72 -40.15 8.14
N LEU B 279 -15.98 -39.41 7.30
CA LEU B 279 -14.78 -39.91 6.65
C LEU B 279 -13.75 -40.41 7.66
N LEU B 280 -13.41 -39.56 8.62
CA LEU B 280 -12.36 -39.87 9.60
C LEU B 280 -12.59 -41.16 10.40
N ASP B 281 -13.83 -41.64 10.47
CA ASP B 281 -14.13 -42.97 10.99
C ASP B 281 -13.59 -44.04 10.04
N TYR B 282 -14.02 -43.98 8.78
CA TYR B 282 -13.59 -44.94 7.76
C TYR B 282 -12.06 -44.96 7.62
N ILE B 283 -11.42 -43.82 7.84
CA ILE B 283 -9.97 -43.73 7.80
C ILE B 283 -9.34 -44.58 8.90
N VAL B 284 -9.78 -44.38 10.14
CA VAL B 284 -9.20 -45.07 11.28
C VAL B 284 -9.59 -46.55 11.32
N ASN B 285 -10.89 -46.82 11.22
CA ASN B 285 -11.43 -48.16 11.54
C ASN B 285 -11.45 -49.14 10.37
N GLU B 286 -11.67 -48.65 9.16
CA GLU B 286 -11.64 -49.50 7.97
C GLU B 286 -10.21 -49.55 7.41
N PRO B 287 -9.92 -50.55 6.55
CA PRO B 287 -8.56 -50.69 6.05
C PRO B 287 -8.18 -49.60 5.07
N PRO B 288 -6.85 -49.41 4.85
CA PRO B 288 -6.35 -48.34 3.98
C PRO B 288 -6.71 -48.54 2.51
N PRO B 289 -6.65 -47.46 1.71
CA PRO B 289 -6.94 -47.61 0.29
C PRO B 289 -5.85 -48.37 -0.44
N LYS B 290 -6.15 -48.80 -1.65
CA LYS B 290 -5.16 -49.43 -2.51
C LYS B 290 -5.52 -49.19 -3.97
N LEU B 291 -4.50 -49.21 -4.82
CA LEU B 291 -4.70 -49.13 -6.26
C LEU B 291 -5.39 -50.40 -6.72
N PRO B 292 -6.18 -50.31 -7.80
CA PRO B 292 -6.82 -51.50 -8.32
C PRO B 292 -5.79 -52.36 -9.01
N SER B 293 -6.01 -53.67 -9.03
CA SER B 293 -5.06 -54.58 -9.65
C SER B 293 -5.36 -54.71 -11.14
N GLY B 294 -4.33 -55.04 -11.91
CA GLY B 294 -4.49 -55.30 -13.33
C GLY B 294 -4.00 -54.19 -14.22
N VAL B 295 -4.17 -52.94 -13.78
CA VAL B 295 -3.89 -51.75 -14.61
C VAL B 295 -2.62 -51.00 -14.20
N PHE B 296 -1.88 -51.56 -13.24
CA PHE B 296 -0.77 -50.88 -12.57
C PHE B 296 0.26 -51.91 -12.14
N SER B 297 1.53 -51.66 -12.44
CA SER B 297 2.61 -52.58 -12.06
C SER B 297 2.60 -52.85 -10.55
N LEU B 298 2.81 -54.11 -10.19
CA LEU B 298 2.81 -54.56 -8.80
C LEU B 298 3.85 -53.80 -7.98
N GLU B 299 4.95 -53.42 -8.63
CA GLU B 299 5.97 -52.61 -7.96
C GLU B 299 5.33 -51.35 -7.38
N PHE B 300 4.61 -50.61 -8.22
CA PHE B 300 3.91 -49.40 -7.81
C PHE B 300 2.73 -49.66 -6.86
N GLN B 301 2.17 -50.87 -6.89
CA GLN B 301 1.09 -51.22 -5.98
C GLN B 301 1.72 -51.42 -4.62
N ASP B 302 2.69 -52.32 -4.56
CA ASP B 302 3.47 -52.53 -3.36
C ASP B 302 3.93 -51.20 -2.80
N PHE B 303 4.42 -50.31 -3.67
CA PHE B 303 4.95 -49.03 -3.21
C PHE B 303 3.94 -48.30 -2.38
N VAL B 304 2.79 -48.01 -2.96
CA VAL B 304 1.75 -47.25 -2.26
C VAL B 304 1.21 -47.98 -1.04
N ASN B 305 1.29 -49.31 -1.04
CA ASN B 305 0.84 -50.13 0.08
C ASN B 305 1.77 -49.97 1.27
N LYS B 306 3.06 -49.98 1.00
CA LYS B 306 4.05 -49.80 2.05
C LYS B 306 3.99 -48.39 2.64
N CYS B 307 3.49 -47.44 1.87
CA CYS B 307 3.23 -46.08 2.34
C CYS B 307 1.94 -46.00 3.16
N LEU B 308 0.95 -46.82 2.80
CA LEU B 308 -0.39 -46.74 3.40
C LEU B 308 -0.67 -47.79 4.47
N ILE B 309 0.32 -48.10 5.31
CA ILE B 309 0.11 -49.05 6.40
C ILE B 309 -0.35 -48.31 7.64
N LYS B 310 -1.48 -48.73 8.20
CA LYS B 310 -2.11 -48.01 9.31
C LYS B 310 -1.22 -47.91 10.55
N ASN B 311 -0.49 -48.98 10.84
CA ASN B 311 0.49 -48.98 11.92
C ASN B 311 1.80 -48.32 11.47
N PRO B 312 2.19 -47.18 12.09
CA PRO B 312 3.33 -46.40 11.59
C PRO B 312 4.69 -47.11 11.66
N ALA B 313 4.95 -47.84 12.75
CA ALA B 313 6.18 -48.62 12.86
C ALA B 313 6.40 -49.50 11.61
N GLU B 314 5.35 -50.25 11.25
CA GLU B 314 5.41 -51.14 10.08
C GLU B 314 5.43 -50.40 8.74
N ARG B 315 4.84 -49.22 8.70
CA ARG B 315 4.83 -48.38 7.50
C ARG B 315 6.25 -48.04 7.06
N ALA B 316 6.45 -48.01 5.74
CA ALA B 316 7.76 -47.75 5.17
C ALA B 316 8.21 -46.35 5.55
N ASP B 317 9.51 -46.17 5.68
CA ASP B 317 10.08 -44.86 5.98
C ASP B 317 10.71 -44.29 4.72
N LEU B 318 11.15 -43.03 4.78
CA LEU B 318 11.78 -42.38 3.63
C LEU B 318 12.92 -43.25 3.08
N LYS B 319 13.90 -43.49 3.92
CA LYS B 319 15.12 -44.22 3.56
C LYS B 319 14.82 -45.54 2.85
N GLN B 320 13.78 -46.24 3.29
CA GLN B 320 13.35 -47.51 2.67
C GLN B 320 12.76 -47.26 1.29
N LEU B 321 11.90 -46.26 1.21
CA LEU B 321 11.18 -45.93 -0.02
C LEU B 321 12.12 -45.44 -1.11
N MET B 322 13.18 -44.73 -0.71
CA MET B 322 14.11 -44.17 -1.69
C MET B 322 14.78 -45.28 -2.50
N VAL B 323 15.04 -46.42 -1.85
CA VAL B 323 15.65 -47.58 -2.51
C VAL B 323 14.64 -48.70 -2.75
N HIS B 324 13.37 -48.34 -2.88
CA HIS B 324 12.29 -49.30 -3.10
C HIS B 324 12.07 -49.47 -4.60
N ALA B 325 12.13 -50.72 -5.08
CA ALA B 325 12.09 -51.07 -6.52
C ALA B 325 11.49 -50.00 -7.40
N PHE B 326 10.25 -49.63 -7.08
CA PHE B 326 9.55 -48.62 -7.84
C PHE B 326 10.36 -47.33 -8.00
N ILE B 327 11.02 -46.88 -6.94
CA ILE B 327 11.87 -45.70 -7.04
C ILE B 327 13.15 -46.02 -7.82
N LYS B 328 13.72 -47.19 -7.59
CA LYS B 328 14.89 -47.63 -8.34
C LYS B 328 14.58 -47.77 -9.83
N ARG B 329 13.35 -48.18 -10.13
CA ARG B 329 12.90 -48.35 -11.51
C ARG B 329 12.73 -47.00 -12.20
N SER B 330 11.99 -46.10 -11.55
CA SER B 330 11.55 -44.85 -12.19
C SER B 330 12.62 -43.77 -12.33
N ASP B 331 13.62 -43.80 -11.45
CA ASP B 331 14.78 -42.90 -11.59
C ASP B 331 15.49 -43.23 -12.91
N ALA B 332 15.62 -44.52 -13.17
CA ALA B 332 16.23 -45.05 -14.40
C ALA B 332 15.40 -44.77 -15.65
N GLU B 333 14.07 -44.70 -15.51
CA GLU B 333 13.17 -44.38 -16.61
C GLU B 333 13.41 -42.98 -17.13
N GLU B 334 13.39 -42.83 -18.46
CA GLU B 334 13.34 -41.52 -19.11
C GLU B 334 11.88 -41.22 -19.44
N VAL B 335 11.29 -40.28 -18.72
CA VAL B 335 9.88 -39.90 -18.91
C VAL B 335 9.79 -38.40 -19.13
N ASP B 336 9.54 -38.00 -20.38
CA ASP B 336 9.39 -36.59 -20.76
C ASP B 336 8.24 -35.95 -19.98
N PHE B 337 8.50 -35.66 -18.72
CA PHE B 337 7.47 -35.18 -17.80
C PHE B 337 6.96 -33.81 -18.21
N ALA B 338 7.82 -32.98 -18.79
CA ALA B 338 7.42 -31.66 -19.25
C ALA B 338 6.39 -31.80 -20.35
N GLY B 339 6.82 -32.36 -21.49
CA GLY B 339 5.94 -32.58 -22.63
C GLY B 339 4.56 -33.05 -22.24
N TRP B 340 4.51 -34.08 -21.39
CA TRP B 340 3.23 -34.62 -20.88
C TRP B 340 2.39 -33.50 -20.28
N LEU B 341 2.95 -32.83 -19.28
CA LEU B 341 2.27 -31.75 -18.56
C LEU B 341 1.84 -30.65 -19.52
N CYS B 342 2.80 -30.13 -20.28
CA CYS B 342 2.54 -29.08 -21.25
C CYS B 342 1.44 -29.44 -22.24
N SER B 343 1.43 -30.69 -22.68
CA SER B 343 0.33 -31.19 -23.51
C SER B 343 -0.95 -31.33 -22.69
N THR B 344 -0.86 -32.05 -21.58
CA THR B 344 -1.97 -32.28 -20.67
C THR B 344 -2.80 -31.03 -20.37
N ILE B 345 -2.15 -29.97 -19.87
CA ILE B 345 -2.88 -28.77 -19.43
C ILE B 345 -2.89 -27.63 -20.45
N GLY B 346 -2.19 -27.81 -21.57
CA GLY B 346 -2.26 -26.86 -22.68
C GLY B 346 -1.40 -25.62 -22.53
N LEU B 347 -0.11 -25.82 -22.23
CA LEU B 347 0.84 -24.70 -22.13
C LEU B 347 1.50 -24.36 -23.49
C4 5U5 C . -0.21 21.85 -0.50
C5 5U5 C . -0.84 21.81 -1.73
C6 5U5 C . -2.17 21.43 -1.83
C8 5U5 C . -1.53 21.87 -3.92
N12 5U5 C . 0.92 22.72 -4.91
C13 5U5 C . 1.99 22.76 -2.63
C15 5U5 C . 3.34 24.25 -1.32
C17 5U5 C . 3.89 21.93 -1.43
C20 5U5 C . 1.60 23.18 -7.19
C21 5U5 C . 2.53 23.52 -8.14
C22 5U5 C . 3.84 23.80 -7.76
C24 5U5 C . 3.25 23.37 -5.45
C26 5U5 C . -3.44 20.49 2.83
O28 5U5 C . -3.29 19.93 5.04
C27 5U5 C . -4.02 20.17 4.10
N29 5U5 C . -5.39 20.15 4.28
C35 5U5 C . -6.05 19.84 5.55
C34 5U5 C . -5.89 18.38 5.92
C25 5U5 C . -2.93 20.77 1.77
C2 5U5 C . -2.27 21.10 0.54
C3 5U5 C . -2.91 21.08 -0.70
N7 5U5 C . -2.62 21.45 -3.16
O10 5U5 C . -1.54 22.01 -5.12
C9 5U5 C . -0.36 22.11 -3.07
C1 5U5 C . -0.93 21.49 0.62
C11 5U5 C . 0.84 22.53 -3.54
C18 5U5 C . 2.82 21.71 -2.27
C16 5U5 C . 4.15 23.21 -0.96
C14 5U5 C . 2.25 24.03 -2.16
C19 5U5 C . 1.93 23.11 -5.83
C23 5U5 C . 4.18 23.73 -6.41
C30 5U5 C . 4.80 24.19 -8.85
N31 5U5 C . 6.10 24.62 -8.31
C33 5U5 C . 6.70 25.61 -9.22
C32 5U5 C . 7.03 23.49 -8.09
CA CA D . 2.16 4.13 -0.91
CA CA E . 0.16 0.21 -1.06
CA CA F . -1.88 -3.72 -2.60
C4 5U5 G . 0.75 -21.30 -4.94
C5 5U5 G . 1.64 -21.06 -5.99
C6 5U5 G . 2.96 -20.75 -5.72
C8 5U5 G . 2.81 -20.76 -7.94
N12 5U5 G . 0.56 -21.28 -9.60
C13 5U5 G . -0.87 -21.66 -7.54
C15 5U5 G . -2.40 -23.32 -6.69
C17 5U5 G . -2.92 -20.98 -6.47
C20 5U5 G . 0.24 -21.36 -11.99
C21 5U5 G . -0.55 -21.48 -13.13
C22 5U5 G . -1.92 -21.67 -13.02
C24 5U5 G . -1.69 -21.61 -10.61
C26 5U5 G . 3.28 -20.75 -0.84
O28 5U5 G . 2.91 -20.20 1.35
C27 5U5 G . 3.66 -20.69 0.53
N29 5U5 G . 4.88 -21.16 0.95
C35 5U5 G . 5.37 -21.13 2.33
C34 5U5 G . 5.67 -19.73 2.77
C25 5U5 G . 2.95 -20.80 -2.00
C2 5U5 G . 2.54 -20.88 -3.36
C3 5U5 G . 3.43 -20.65 -4.41
N7 5U5 G . 3.71 -20.55 -6.90
O10 5U5 G . 3.08 -20.67 -9.12
C9 5U5 G . 1.48 -21.08 -7.44
C1 5U5 G . 1.22 -21.20 -3.64
C11 5U5 G . 0.39 -21.33 -8.20
C18 5U5 G . -1.73 -20.65 -7.10
C16 5U5 G . -3.25 -22.31 -6.27
C14 5U5 G . -1.21 -22.99 -7.32
C19 5U5 G . -0.31 -21.44 -10.72
C23 5U5 G . -2.47 -21.73 -11.75
C30 5U5 G . -2.75 -21.79 -14.27
N31 5U5 G . -3.01 -23.19 -14.65
C33 5U5 G . -3.34 -23.30 -16.05
C32 5U5 G . -4.24 -23.72 -13.88
#